data_5EC9
#
_entry.id   5EC9
#
_cell.length_a   68.252
_cell.length_b   68.252
_cell.length_c   106.273
_cell.angle_alpha   90.00
_cell.angle_beta   90.00
_cell.angle_gamma   90.00
#
_symmetry.space_group_name_H-M   'P 43 21 2'
#
loop_
_entity.id
_entity.type
_entity.pdbx_description
1 polymer 'Retinoic acid receptor RXR-alpha'
2 polymer LYS-HIS-LYS-ILE-LEU-HIS-ARG-LEU-LEU-GLN-ASP
3 non-polymer '4-[(11S,15R)-4,4,7,7-Tetramethyl-16-oxatetracyclo[8.6.0.03,8.011,15]hexadeca-1(10),2,8-trien-11-yl]benzoic acid'
4 water water
#
loop_
_entity_poly.entity_id
_entity_poly.type
_entity_poly.pdbx_seq_one_letter_code
_entity_poly.pdbx_strand_id
1 'polypeptide(L)'
;DMPVERILEAELAVEPDPVTNICQAADKQLFTLVEWAKRIPHFSELPLDDQVILLRAGWNELLIASFSHRSIAVKDGILL
ATGLHVHRNSAHSAGVGAIFDRVLTELVSKMRDMQMDKTELGCLRAIVLFNPDSKGLSNPAEVEALREKVYASLEAYCKH
KYPEQPGRFAKLLLRLPALRSIGLKCLEHLFFFKLIGDTPIDTFLMEMLE
;
A
2 'polypeptide(L)' KHKILHRLLQD B
#
loop_
_chem_comp.id
_chem_comp.type
_chem_comp.name
_chem_comp.formula
5LO non-polymer '4-[(11S,15R)-4,4,7,7-Tetramethyl-16-oxatetracyclo[8.6.0.03,8.011,15]hexadeca-1(10),2,8-trien-11-yl]benzoic acid' 'C26 H30 O3'
#
# COMPACT_ATOMS: atom_id res chain seq x y z
N ASP A 1 3.45 13.02 18.37
CA ASP A 1 2.63 13.92 17.56
C ASP A 1 2.72 13.53 16.08
N MET A 2 1.56 13.18 15.55
CA MET A 2 1.44 12.61 14.22
C MET A 2 0.22 13.27 13.57
N PRO A 3 0.42 14.46 12.99
CA PRO A 3 -0.70 15.25 12.45
C PRO A 3 -1.24 14.61 11.18
N VAL A 4 -2.55 14.46 11.10
CA VAL A 4 -3.16 13.84 9.94
C VAL A 4 -2.99 14.74 8.70
N GLU A 5 -2.76 16.04 8.94
CA GLU A 5 -2.54 16.99 7.86
C GLU A 5 -1.30 16.60 7.07
N ARG A 6 -0.24 16.23 7.77
CA ARG A 6 1.00 15.79 7.13
C ARG A 6 0.82 14.47 6.37
N ILE A 7 0.07 13.55 6.96
CA ILE A 7 -0.19 12.27 6.34
C ILE A 7 -0.99 12.45 5.05
N LEU A 8 -1.97 13.35 5.10
CA LEU A 8 -2.80 13.68 3.93
C LEU A 8 -1.97 14.31 2.83
N GLU A 9 -1.10 15.24 3.23
CA GLU A 9 -0.19 15.90 2.30
C GLU A 9 0.67 14.89 1.58
N ALA A 10 1.15 13.87 2.31
CA ALA A 10 1.96 12.82 1.69
C ALA A 10 1.16 12.10 0.61
N GLU A 11 -0.11 11.78 0.92
CA GLU A 11 -1.00 11.16 -0.05
C GLU A 11 -1.14 12.03 -1.28
N LEU A 12 -1.35 13.32 -1.06
CA LEU A 12 -1.60 14.25 -2.15
C LEU A 12 -0.32 14.57 -2.92
N ALA A 13 0.82 14.55 -2.24
CA ALA A 13 2.10 14.84 -2.90
C ALA A 13 2.44 13.79 -3.95
N VAL A 14 1.97 12.58 -3.72
CA VAL A 14 2.35 11.48 -4.60
C VAL A 14 1.24 11.21 -5.61
N GLU A 15 0.23 12.06 -5.58
CA GLU A 15 -0.88 11.94 -6.51
C GLU A 15 -0.45 12.32 -7.92
N PRO A 16 -1.07 11.69 -8.92
CA PRO A 16 -0.91 12.07 -10.33
C PRO A 16 -1.89 13.15 -10.75
N ASP A 17 -1.13 -7.78 -22.25
CA ASP A 17 -1.21 -8.52 -21.00
C ASP A 17 -1.59 -7.60 -19.84
N PRO A 18 -2.70 -7.91 -19.17
CA PRO A 18 -3.05 -7.25 -17.90
C PRO A 18 -1.94 -7.39 -16.84
N VAL A 19 -1.29 -8.55 -16.80
CA VAL A 19 -0.24 -8.79 -15.82
C VAL A 19 1.01 -7.95 -16.12
N THR A 20 1.35 -7.81 -17.39
CA THR A 20 2.44 -6.93 -17.78
C THR A 20 2.15 -5.45 -17.44
N ASN A 21 0.95 -4.99 -17.74
CA ASN A 21 0.57 -3.62 -17.44
C ASN A 21 0.63 -3.35 -15.94
N ILE A 22 0.20 -4.34 -15.17
CA ILE A 22 0.14 -4.24 -13.72
C ILE A 22 1.56 -4.20 -13.13
N CYS A 23 2.46 -5.06 -13.61
CA CYS A 23 3.84 -5.02 -13.14
C CYS A 23 4.50 -3.69 -13.47
N GLN A 24 4.22 -3.17 -14.67
CA GLN A 24 4.71 -1.87 -15.09
C GLN A 24 4.22 -0.78 -14.13
N ALA A 25 2.95 -0.86 -13.75
CA ALA A 25 2.40 0.13 -12.84
C ALA A 25 3.01 -0.02 -11.44
N ALA A 26 3.24 -1.27 -11.03
CA ALA A 26 3.83 -1.52 -9.72
C ALA A 26 5.25 -0.95 -9.63
N ASP A 27 6.06 -1.13 -10.67
CA ASP A 27 7.43 -0.67 -10.60
C ASP A 27 7.49 0.87 -10.57
N LYS A 28 6.62 1.50 -11.36
CA LYS A 28 6.50 2.94 -11.35
C LYS A 28 6.10 3.47 -9.97
N GLN A 29 5.14 2.83 -9.32
CA GLN A 29 4.67 3.27 -8.00
C GLN A 29 5.67 3.03 -6.88
N LEU A 30 6.65 2.17 -7.13
CA LEU A 30 7.65 1.91 -6.12
C LEU A 30 8.52 3.15 -5.89
N PHE A 31 8.88 3.86 -6.96
CA PHE A 31 9.68 5.09 -6.80
C PHE A 31 8.91 6.09 -6.00
N THR A 32 7.66 6.26 -6.38
CA THR A 32 6.76 7.21 -5.74
C THR A 32 6.52 6.84 -4.28
N LEU A 33 6.49 5.55 -3.99
CA LEU A 33 6.25 5.05 -2.62
C LEU A 33 7.32 5.55 -1.64
N VAL A 34 8.58 5.61 -2.10
CA VAL A 34 9.68 6.10 -1.27
C VAL A 34 9.48 7.59 -0.98
N GLU A 35 9.02 8.33 -1.98
CA GLU A 35 8.71 9.74 -1.76
C GLU A 35 7.59 9.86 -0.75
N TRP A 36 6.61 8.97 -0.83
CA TRP A 36 5.51 8.99 0.13
C TRP A 36 6.00 8.75 1.56
N ALA A 37 6.80 7.71 1.75
CA ALA A 37 7.26 7.33 3.08
C ALA A 37 8.10 8.44 3.73
N LYS A 38 8.92 9.12 2.93
CA LYS A 38 9.76 10.21 3.41
C LYS A 38 8.92 11.34 3.98
N ARG A 39 7.69 11.44 3.49
CA ARG A 39 6.81 12.52 3.88
C ARG A 39 5.90 12.11 5.04
N ILE A 40 6.01 10.87 5.49
CA ILE A 40 5.33 10.47 6.72
C ILE A 40 6.19 10.92 7.90
N PRO A 41 5.64 11.76 8.79
CA PRO A 41 6.45 12.31 9.88
C PRO A 41 7.23 11.23 10.64
N HIS A 42 8.53 11.48 10.83
CA HIS A 42 9.45 10.69 11.66
C HIS A 42 9.99 9.47 10.95
N PHE A 43 9.35 9.04 9.86
CA PHE A 43 9.89 7.91 9.13
C PHE A 43 11.36 8.14 8.74
N SER A 44 11.67 9.35 8.26
CA SER A 44 13.02 9.68 7.80
C SER A 44 14.07 9.72 8.91
N GLU A 45 13.66 9.91 10.16
CA GLU A 45 14.64 10.00 11.25
C GLU A 45 14.95 8.62 11.82
N LEU A 46 14.19 7.60 11.40
CA LEU A 46 14.55 6.22 11.73
C LEU A 46 15.89 5.91 11.08
N PRO A 47 16.66 4.99 11.68
CA PRO A 47 17.90 4.53 11.06
C PRO A 47 17.62 3.98 9.67
N LEU A 48 18.50 4.32 8.73
CA LEU A 48 18.33 3.97 7.33
C LEU A 48 18.03 2.48 7.12
N ASP A 49 18.73 1.60 7.83
CA ASP A 49 18.46 0.17 7.75
C ASP A 49 17.01 -0.20 8.09
N ASP A 50 16.45 0.45 9.12
CA ASP A 50 15.07 0.19 9.51
C ASP A 50 14.10 0.74 8.46
N GLN A 51 14.47 1.83 7.82
CA GLN A 51 13.61 2.43 6.79
C GLN A 51 13.48 1.44 5.64
N VAL A 52 14.59 0.81 5.30
CA VAL A 52 14.66 -0.23 4.28
C VAL A 52 13.81 -1.44 4.65
N ILE A 53 14.01 -1.95 5.86
CA ILE A 53 13.22 -3.07 6.38
C ILE A 53 11.70 -2.83 6.37
N LEU A 54 11.27 -1.64 6.79
CA LEU A 54 9.85 -1.30 6.82
C LEU A 54 9.26 -1.27 5.41
N LEU A 55 10.01 -0.76 4.45
CA LEU A 55 9.49 -0.69 3.09
C LEU A 55 9.50 -2.06 2.40
N ARG A 56 10.51 -2.89 2.68
CA ARG A 56 10.54 -4.26 2.14
C ARG A 56 9.40 -5.07 2.72
N ALA A 57 9.04 -4.81 3.97
CA ALA A 57 7.99 -5.55 4.62
C ALA A 57 6.62 -5.09 4.13
N GLY A 58 6.48 -3.81 3.85
CA GLY A 58 5.16 -3.26 3.64
C GLY A 58 4.75 -2.95 2.22
N TRP A 59 5.71 -2.97 1.29
CA TRP A 59 5.47 -2.33 0.00
C TRP A 59 4.27 -2.90 -0.76
N ASN A 60 4.11 -4.23 -0.75
CA ASN A 60 3.01 -4.77 -1.55
C ASN A 60 1.68 -4.35 -0.95
N GLU A 61 1.51 -4.48 0.36
CA GLU A 61 0.27 -4.02 0.98
C GLU A 61 0.06 -2.50 0.78
N LEU A 62 1.14 -1.72 0.81
CA LEU A 62 1.02 -0.28 0.60
C LEU A 62 0.52 0.05 -0.81
N LEU A 63 1.04 -0.66 -1.81
CA LEU A 63 0.61 -0.45 -3.18
C LEU A 63 -0.81 -0.93 -3.39
N ILE A 64 -1.20 -1.96 -2.66
CA ILE A 64 -2.55 -2.49 -2.82
C ILE A 64 -3.58 -1.51 -2.29
N ALA A 65 -3.38 -1.05 -1.06
CA ALA A 65 -4.27 -0.05 -0.49
C ALA A 65 -4.42 1.18 -1.42
N SER A 66 -3.32 1.60 -2.07
CA SER A 66 -3.35 2.78 -2.92
CA SER A 66 -3.35 2.77 -2.92
C SER A 66 -4.20 2.58 -4.18
N PHE A 67 -3.93 1.53 -4.96
CA PHE A 67 -4.68 1.38 -6.20
C PHE A 67 -6.12 1.01 -5.89
N SER A 68 -6.32 0.29 -4.79
CA SER A 68 -7.67 -0.06 -4.39
C SER A 68 -8.51 1.18 -4.19
N HIS A 69 -7.94 2.17 -3.52
CA HIS A 69 -8.66 3.37 -3.18
C HIS A 69 -8.88 4.21 -4.41
N ARG A 70 -7.91 4.12 -5.32
CA ARG A 70 -7.94 4.83 -6.58
C ARG A 70 -9.08 4.34 -7.47
N SER A 71 -9.52 3.11 -7.24
CA SER A 71 -10.43 2.43 -8.17
C SER A 71 -11.89 2.43 -7.71
N ILE A 72 -12.15 3.15 -6.62
CA ILE A 72 -13.48 3.22 -6.02
C ILE A 72 -14.60 3.53 -7.01
N ALA A 73 -14.35 4.41 -7.98
CA ALA A 73 -15.38 4.77 -8.95
C ALA A 73 -15.37 3.92 -10.23
N VAL A 74 -14.45 2.94 -10.30
CA VAL A 74 -14.37 2.03 -11.46
C VAL A 74 -15.37 0.87 -11.34
N LYS A 75 -16.07 0.57 -12.42
CA LYS A 75 -17.03 -0.54 -12.41
C LYS A 75 -16.33 -1.86 -12.68
N ASP A 76 -16.39 -2.75 -11.69
CA ASP A 76 -15.83 -4.09 -11.78
C ASP A 76 -14.40 -4.14 -12.33
N GLY A 77 -13.56 -3.22 -11.86
CA GLY A 77 -12.19 -3.18 -12.31
C GLY A 77 -11.34 -2.29 -11.43
N ILE A 78 -10.10 -2.07 -11.83
CA ILE A 78 -9.21 -1.17 -11.12
C ILE A 78 -8.59 -0.16 -12.10
N LEU A 79 -8.25 1.00 -11.56
CA LEU A 79 -7.50 2.02 -12.28
C LEU A 79 -6.01 1.95 -11.94
N LEU A 80 -5.18 1.65 -12.93
CA LEU A 80 -3.74 1.52 -12.70
C LEU A 80 -3.07 2.89 -12.59
N ALA A 81 -1.90 2.92 -11.96
CA ALA A 81 -1.11 4.15 -11.87
C ALA A 81 -0.70 4.71 -13.25
N THR A 82 -0.68 3.86 -14.26
CA THR A 82 -0.32 4.27 -15.62
C THR A 82 -1.53 4.84 -16.38
N GLY A 83 -2.67 4.93 -15.71
CA GLY A 83 -3.87 5.48 -16.33
C GLY A 83 -4.80 4.48 -16.98
N LEU A 84 -4.35 3.25 -17.18
CA LEU A 84 -5.18 2.23 -17.82
C LEU A 84 -6.07 1.54 -16.83
N HIS A 85 -7.19 1.02 -17.31
CA HIS A 85 -8.05 0.17 -16.51
C HIS A 85 -7.66 -1.29 -16.72
N VAL A 86 -7.90 -2.10 -15.70
CA VAL A 86 -7.94 -3.53 -15.86
C VAL A 86 -9.32 -3.95 -15.38
N HIS A 87 -10.13 -4.48 -16.30
CA HIS A 87 -11.45 -4.99 -15.95
C HIS A 87 -11.33 -6.43 -15.46
N ARG A 88 -12.22 -6.85 -14.56
CA ARG A 88 -12.15 -8.20 -14.01
C ARG A 88 -12.25 -9.29 -15.08
N ASN A 89 -12.96 -9.02 -16.18
CA ASN A 89 -13.00 -10.00 -17.28
C ASN A 89 -11.60 -10.26 -17.77
N SER A 90 -10.87 -9.17 -17.94
CA SER A 90 -9.51 -9.21 -18.44
C SER A 90 -8.58 -9.94 -17.46
N ALA A 91 -8.71 -9.61 -16.18
CA ALA A 91 -7.94 -10.30 -15.14
C ALA A 91 -8.24 -11.80 -15.14
N HIS A 92 -9.52 -12.15 -15.24
CA HIS A 92 -9.92 -13.56 -15.34
C HIS A 92 -9.33 -14.22 -16.57
N SER A 93 -9.29 -13.48 -17.67
CA SER A 93 -8.73 -13.97 -18.92
C SER A 93 -7.20 -14.08 -18.86
N ALA A 94 -6.59 -13.60 -17.77
CA ALA A 94 -5.14 -13.71 -17.66
C ALA A 94 -4.72 -14.77 -16.63
N GLY A 95 -5.69 -15.43 -16.02
CA GLY A 95 -5.41 -16.47 -15.05
C GLY A 95 -5.36 -16.04 -13.59
N VAL A 96 -5.73 -14.80 -13.29
CA VAL A 96 -5.66 -14.26 -11.93
C VAL A 96 -7.01 -13.69 -11.47
N GLY A 97 -8.09 -14.25 -12.01
CA GLY A 97 -9.41 -13.70 -11.76
C GLY A 97 -9.85 -13.78 -10.31
N ALA A 98 -9.48 -14.87 -9.65
CA ALA A 98 -9.87 -15.11 -8.25
C ALA A 98 -9.29 -14.05 -7.29
N ILE A 99 -8.00 -13.80 -7.36
CA ILE A 99 -7.38 -12.84 -6.45
C ILE A 99 -7.85 -11.43 -6.81
N PHE A 100 -8.11 -11.19 -8.09
CA PHE A 100 -8.64 -9.89 -8.54
C PHE A 100 -9.99 -9.62 -7.89
N ASP A 101 -10.90 -10.57 -7.99
CA ASP A 101 -12.22 -10.43 -7.37
C ASP A 101 -12.10 -10.16 -5.87
N ARG A 102 -11.23 -10.90 -5.20
CA ARG A 102 -10.94 -10.68 -3.77
C ARG A 102 -10.60 -9.23 -3.49
N VAL A 103 -9.74 -8.65 -4.31
CA VAL A 103 -9.41 -7.22 -4.21
C VAL A 103 -10.66 -6.35 -4.37
N LEU A 104 -11.44 -6.66 -5.40
CA LEU A 104 -12.67 -5.93 -5.66
C LEU A 104 -13.66 -6.02 -4.50
N THR A 105 -13.84 -7.19 -3.91
CA THR A 105 -14.93 -7.34 -2.97
C THR A 105 -14.49 -7.08 -1.54
N GLU A 106 -13.26 -7.42 -1.18
CA GLU A 106 -12.78 -7.21 0.18
C GLU A 106 -12.18 -5.82 0.38
N LEU A 107 -11.68 -5.20 -0.68
CA LEU A 107 -11.04 -3.89 -0.53
C LEU A 107 -11.77 -2.75 -1.25
N VAL A 108 -11.79 -2.79 -2.58
CA VAL A 108 -12.38 -1.72 -3.38
C VAL A 108 -13.83 -1.42 -2.99
N SER A 109 -14.67 -2.45 -2.93
CA SER A 109 -16.10 -2.26 -2.64
C SER A 109 -16.33 -1.74 -1.23
N LYS A 110 -15.52 -2.20 -0.29
CA LYS A 110 -15.69 -1.77 1.10
C LYS A 110 -15.25 -0.31 1.23
N MET A 111 -14.20 0.08 0.52
CA MET A 111 -13.75 1.47 0.56
C MET A 111 -14.81 2.37 -0.06
N ARG A 112 -15.46 1.89 -1.12
CA ARG A 112 -16.51 2.67 -1.77
C ARG A 112 -17.71 2.84 -0.86
N ASP A 113 -18.19 1.74 -0.27
CA ASP A 113 -19.44 1.79 0.47
C ASP A 113 -19.34 2.74 1.68
N MET A 114 -18.22 2.67 2.40
CA MET A 114 -18.00 3.54 3.57
C MET A 114 -17.42 4.89 3.17
N GLN A 115 -17.10 5.07 1.89
CA GLN A 115 -16.52 6.32 1.39
C GLN A 115 -15.26 6.71 2.17
N MET A 116 -14.36 5.74 2.35
CA MET A 116 -13.05 5.99 2.95
C MET A 116 -12.42 7.21 2.30
N ASP A 117 -12.00 8.21 3.08
CA ASP A 117 -11.34 9.36 2.45
C ASP A 117 -9.81 9.21 2.44
N LYS A 118 -9.13 10.17 1.83
CA LYS A 118 -7.71 10.06 1.60
C LYS A 118 -6.90 10.20 2.86
N THR A 119 -7.44 10.91 3.84
CA THR A 119 -6.77 11.00 5.14
C THR A 119 -6.84 9.63 5.82
N GLU A 120 -7.97 8.96 5.67
CA GLU A 120 -8.12 7.65 6.28
C GLU A 120 -7.18 6.63 5.63
N LEU A 121 -7.22 6.57 4.29
CA LEU A 121 -6.29 5.74 3.53
C LEU A 121 -4.83 5.96 3.96
N GLY A 122 -4.41 7.23 4.01
CA GLY A 122 -3.04 7.56 4.37
C GLY A 122 -2.66 7.04 5.73
N CYS A 123 -3.56 7.20 6.70
CA CYS A 123 -3.29 6.75 8.07
C CYS A 123 -3.17 5.24 8.10
N LEU A 124 -4.06 4.55 7.38
CA LEU A 124 -3.98 3.09 7.28
C LEU A 124 -2.65 2.66 6.67
N ARG A 125 -2.22 3.39 5.66
CA ARG A 125 -0.95 3.07 5.05
C ARG A 125 0.23 3.40 5.96
N ALA A 126 0.16 4.51 6.70
CA ALA A 126 1.22 4.81 7.66
C ALA A 126 1.29 3.74 8.74
N ILE A 127 0.14 3.24 9.17
CA ILE A 127 0.11 2.14 10.13
C ILE A 127 0.76 0.86 9.57
N VAL A 128 0.43 0.56 8.31
CA VAL A 128 1.06 -0.55 7.61
C VAL A 128 2.57 -0.32 7.54
N LEU A 129 2.95 0.91 7.20
CA LEU A 129 4.35 1.27 7.05
C LEU A 129 5.10 1.03 8.35
N PHE A 130 4.54 1.51 9.45
CA PHE A 130 5.16 1.34 10.75
C PHE A 130 4.79 -0.01 11.35
N ASN A 131 5.30 -1.07 10.76
CA ASN A 131 4.97 -2.41 11.22
C ASN A 131 6.03 -2.95 12.17
N PRO A 132 5.75 -2.94 13.47
CA PRO A 132 6.75 -3.28 14.48
C PRO A 132 7.07 -4.78 14.50
N ASP A 133 6.32 -5.59 13.77
CA ASP A 133 6.64 -7.02 13.66
C ASP A 133 7.70 -7.31 12.58
N SER A 134 8.02 -6.29 11.76
CA SER A 134 8.95 -6.48 10.65
C SER A 134 10.29 -7.08 11.16
N LYS A 135 10.77 -8.13 10.52
CA LYS A 135 11.98 -8.83 10.97
C LYS A 135 13.20 -7.92 10.95
N GLY A 136 13.94 -7.91 12.05
CA GLY A 136 15.29 -7.40 12.03
C GLY A 136 15.43 -5.94 12.40
N LEU A 137 14.30 -5.29 12.72
CA LEU A 137 14.35 -3.90 13.15
C LEU A 137 15.34 -3.75 14.32
N SER A 138 16.18 -2.73 14.24
CA SER A 138 17.08 -2.39 15.32
C SER A 138 16.34 -1.99 16.59
N ASN A 139 15.13 -1.44 16.45
CA ASN A 139 14.30 -1.08 17.63
C ASN A 139 12.81 -1.14 17.36
N PRO A 140 12.21 -2.32 17.52
CA PRO A 140 10.76 -2.51 17.34
C PRO A 140 9.86 -1.56 18.14
N ALA A 141 10.18 -1.30 19.40
CA ALA A 141 9.37 -0.44 20.27
C ALA A 141 9.24 0.97 19.70
N GLU A 142 10.30 1.43 19.06
CA GLU A 142 10.33 2.74 18.43
C GLU A 142 9.31 2.80 17.28
N VAL A 143 9.33 1.78 16.45
CA VAL A 143 8.42 1.68 15.32
C VAL A 143 6.98 1.53 15.83
N GLU A 144 6.83 0.75 16.89
CA GLU A 144 5.51 0.53 17.51
C GLU A 144 4.92 1.84 18.02
N ALA A 145 5.77 2.63 18.68
CA ALA A 145 5.38 3.94 19.21
C ALA A 145 4.86 4.82 18.10
N LEU A 146 5.57 4.86 16.99
CA LEU A 146 5.15 5.64 15.84
C LEU A 146 3.82 5.11 15.28
N ARG A 147 3.68 3.78 15.22
CA ARG A 147 2.41 3.21 14.80
C ARG A 147 1.27 3.64 15.73
N GLU A 148 1.53 3.59 17.04
CA GLU A 148 0.56 4.03 18.04
C GLU A 148 0.12 5.47 17.81
N LYS A 149 1.05 6.36 17.51
CA LYS A 149 0.68 7.75 17.26
C LYS A 149 -0.23 7.90 16.06
N VAL A 150 -0.01 7.10 15.02
CA VAL A 150 -0.85 7.19 13.84
C VAL A 150 -2.30 6.78 14.12
N TYR A 151 -2.49 5.66 14.81
CA TYR A 151 -3.88 5.26 15.01
C TYR A 151 -4.52 6.07 16.14
N ALA A 152 -3.71 6.70 16.99
CA ALA A 152 -4.26 7.71 17.89
C ALA A 152 -4.84 8.88 17.10
N SER A 153 -4.10 9.36 16.10
CA SER A 153 -4.54 10.49 15.28
C SER A 153 -5.71 10.12 14.40
N LEU A 154 -5.65 8.92 13.85
CA LEU A 154 -6.74 8.45 13.01
C LEU A 154 -8.06 8.40 13.79
N GLU A 155 -8.03 7.83 14.98
CA GLU A 155 -9.22 7.71 15.78
C GLU A 155 -9.85 9.08 16.01
N ALA A 156 -9.02 10.05 16.42
CA ALA A 156 -9.49 11.39 16.71
C ALA A 156 -10.13 12.04 15.48
N TYR A 157 -9.49 11.88 14.33
CA TYR A 157 -9.99 12.42 13.07
C TYR A 157 -11.36 11.85 12.75
N CYS A 158 -11.50 10.54 12.86
CA CYS A 158 -12.77 9.87 12.52
C CYS A 158 -13.90 10.36 13.42
N LYS A 159 -13.64 10.38 14.72
CA LYS A 159 -14.67 10.79 15.67
C LYS A 159 -15.11 12.23 15.38
N HIS A 160 -14.16 13.08 15.02
CA HIS A 160 -14.50 14.46 14.71
C HIS A 160 -15.24 14.58 13.38
N LYS A 161 -14.74 13.89 12.35
CA LYS A 161 -15.26 14.05 11.01
C LYS A 161 -16.56 13.26 10.81
N TYR A 162 -16.64 12.10 11.44
CA TYR A 162 -17.79 11.21 11.28
C TYR A 162 -18.39 10.83 12.64
N PRO A 163 -18.93 11.81 13.37
CA PRO A 163 -19.35 11.53 14.75
C PRO A 163 -20.56 10.62 14.81
N GLU A 164 -21.29 10.50 13.72
CA GLU A 164 -22.44 9.59 13.68
C GLU A 164 -21.99 8.15 13.42
N GLN A 165 -20.70 7.94 13.17
CA GLN A 165 -20.19 6.58 12.95
C GLN A 165 -19.11 6.19 13.96
N PRO A 166 -19.51 5.88 15.20
CA PRO A 166 -18.59 5.47 16.26
C PRO A 166 -17.75 4.25 15.89
N GLY A 167 -18.25 3.41 14.98
CA GLY A 167 -17.58 2.17 14.63
C GLY A 167 -16.56 2.36 13.52
N ARG A 168 -16.49 3.57 12.97
CA ARG A 168 -15.73 3.78 11.75
C ARG A 168 -14.23 3.50 11.91
N PHE A 169 -13.63 3.99 13.00
CA PHE A 169 -12.22 3.73 13.27
C PHE A 169 -11.90 2.24 13.25
N ALA A 170 -12.66 1.44 14.01
CA ALA A 170 -12.49 -0.01 14.04
C ALA A 170 -12.71 -0.60 12.67
N LYS A 171 -13.66 -0.05 11.91
CA LYS A 171 -13.97 -0.58 10.59
C LYS A 171 -12.77 -0.42 9.67
N LEU A 172 -12.10 0.71 9.75
CA LEU A 172 -10.90 0.96 8.96
C LEU A 172 -9.83 -0.10 9.29
N LEU A 173 -9.51 -0.23 10.57
CA LEU A 173 -8.48 -1.16 11.01
C LEU A 173 -8.79 -2.60 10.59
N LEU A 174 -10.08 -2.92 10.50
CA LEU A 174 -10.48 -4.30 10.23
C LEU A 174 -10.45 -4.67 8.75
N ARG A 175 -10.00 -3.75 7.91
CA ARG A 175 -9.67 -4.08 6.53
C ARG A 175 -8.22 -4.56 6.41
N LEU A 176 -7.44 -4.38 7.47
CA LEU A 176 -6.03 -4.77 7.43
C LEU A 176 -5.75 -6.28 7.33
N PRO A 177 -6.60 -7.13 7.95
CA PRO A 177 -6.31 -8.56 7.75
C PRO A 177 -6.51 -9.00 6.31
N ALA A 178 -7.57 -8.51 5.67
CA ALA A 178 -7.79 -8.80 4.26
C ALA A 178 -6.60 -8.31 3.42
N LEU A 179 -6.17 -7.09 3.69
CA LEU A 179 -5.03 -6.51 3.00
C LEU A 179 -3.80 -7.40 3.14
N ARG A 180 -3.56 -7.88 4.35
CA ARG A 180 -2.46 -8.80 4.61
C ARG A 180 -2.56 -10.10 3.79
N SER A 181 -3.75 -10.69 3.81
CA SER A 181 -4.04 -11.92 3.08
C SER A 181 -3.83 -11.70 1.56
N ILE A 182 -4.37 -10.60 1.05
CA ILE A 182 -4.28 -10.28 -0.37
C ILE A 182 -2.86 -9.90 -0.75
N GLY A 183 -2.19 -9.17 0.14
CA GLY A 183 -0.78 -8.93 -0.02
C GLY A 183 0.06 -10.19 -0.18
N LEU A 184 -0.19 -11.17 0.70
CA LEU A 184 0.54 -12.42 0.64
C LEU A 184 0.31 -13.14 -0.69
N LYS A 185 -0.94 -13.21 -1.13
CA LYS A 185 -1.28 -13.89 -2.37
C LYS A 185 -0.71 -13.19 -3.64
N CYS A 186 -0.71 -11.86 -3.67
CA CYS A 186 -0.08 -11.17 -4.78
C CYS A 186 1.40 -11.53 -4.88
N LEU A 187 2.06 -11.63 -3.73
CA LEU A 187 3.47 -12.03 -3.70
C LEU A 187 3.66 -13.42 -4.32
N GLU A 188 2.77 -14.35 -4.01
CA GLU A 188 2.87 -15.70 -4.56
C GLU A 188 2.80 -15.66 -6.09
N HIS A 189 1.92 -14.84 -6.64
CA HIS A 189 1.80 -14.73 -8.09
C HIS A 189 3.04 -14.09 -8.69
N LEU A 190 3.49 -13.00 -8.10
CA LEU A 190 4.66 -12.32 -8.61
C LEU A 190 5.88 -13.25 -8.64
N PHE A 191 6.04 -14.07 -7.59
CA PHE A 191 7.18 -14.99 -7.55
C PHE A 191 7.07 -16.03 -8.68
N PHE A 192 5.85 -16.45 -9.01
CA PHE A 192 5.67 -17.36 -10.14
C PHE A 192 5.93 -16.67 -11.49
N PHE A 193 5.36 -15.48 -11.69
CA PHE A 193 5.62 -14.71 -12.90
C PHE A 193 7.13 -14.59 -13.10
N LYS A 194 7.82 -14.27 -12.00
CA LYS A 194 9.27 -14.12 -12.02
C LYS A 194 9.97 -15.42 -12.41
N LEU A 195 9.54 -16.53 -11.81
CA LEU A 195 10.15 -17.84 -12.09
C LEU A 195 10.05 -18.22 -13.57
N ILE A 196 8.86 -18.05 -14.12
CA ILE A 196 8.57 -18.39 -15.50
C ILE A 196 9.40 -17.57 -16.48
N GLY A 197 9.57 -16.29 -16.18
CA GLY A 197 10.44 -15.41 -16.97
C GLY A 197 9.81 -14.76 -18.18
N ASP A 198 8.52 -15.02 -18.38
CA ASP A 198 7.79 -14.52 -19.55
CA ASP A 198 7.82 -14.51 -19.57
C ASP A 198 7.39 -13.05 -19.42
N THR A 199 7.09 -12.62 -18.20
CA THR A 199 6.57 -11.28 -17.99
C THR A 199 7.69 -10.29 -17.70
N PRO A 200 7.71 -9.17 -18.43
CA PRO A 200 8.66 -8.11 -18.11
C PRO A 200 8.48 -7.65 -16.67
N ILE A 201 9.54 -7.77 -15.88
CA ILE A 201 9.58 -7.23 -14.54
C ILE A 201 10.73 -6.24 -14.44
N ASP A 202 10.41 -4.96 -14.23
CA ASP A 202 11.42 -3.93 -14.28
C ASP A 202 12.25 -3.93 -12.98
N THR A 203 13.23 -3.03 -12.92
CA THR A 203 14.32 -3.14 -11.94
C THR A 203 13.91 -3.00 -10.49
N PHE A 204 12.96 -2.13 -10.19
CA PHE A 204 12.64 -1.89 -8.81
C PHE A 204 11.70 -2.96 -8.26
N LEU A 205 10.68 -3.32 -9.02
CA LEU A 205 9.85 -4.47 -8.68
C LEU A 205 10.69 -5.74 -8.57
N MET A 206 11.64 -5.92 -9.50
CA MET A 206 12.51 -7.08 -9.45
C MET A 206 13.28 -7.07 -8.13
N GLU A 207 13.85 -5.91 -7.79
CA GLU A 207 14.63 -5.82 -6.57
C GLU A 207 13.81 -6.22 -5.33
N MET A 208 12.53 -5.85 -5.32
CA MET A 208 11.66 -6.16 -4.17
C MET A 208 11.38 -7.66 -4.06
N LEU A 209 11.46 -8.36 -5.18
CA LEU A 209 11.18 -9.79 -5.19
C LEU A 209 12.45 -10.61 -4.94
N GLU A 210 13.58 -9.92 -4.91
CA GLU A 210 14.86 -10.57 -4.70
C GLU A 210 15.05 -10.87 -3.21
N LYS B 1 22.35 -5.89 -0.89
CA LYS B 1 21.20 -5.87 -1.79
C LYS B 1 20.33 -4.63 -1.55
N HIS B 2 19.15 -4.60 -2.15
CA HIS B 2 18.24 -3.45 -2.08
C HIS B 2 18.93 -2.17 -2.56
N LYS B 3 19.71 -2.31 -3.62
CA LYS B 3 20.48 -1.21 -4.21
C LYS B 3 19.66 0.06 -4.49
N ILE B 4 18.59 -0.10 -5.27
CA ILE B 4 17.75 1.02 -5.67
C ILE B 4 17.04 1.66 -4.48
N LEU B 5 16.46 0.82 -3.63
CA LEU B 5 15.79 1.31 -2.43
C LEU B 5 16.71 2.15 -1.53
N HIS B 6 17.92 1.64 -1.24
CA HIS B 6 18.89 2.38 -0.42
C HIS B 6 19.19 3.76 -0.99
N ARG B 7 19.50 3.80 -2.29
CA ARG B 7 19.86 5.04 -2.94
C ARG B 7 18.73 6.05 -2.86
N LEU B 8 17.49 5.60 -3.01
CA LEU B 8 16.37 6.53 -2.97
C LEU B 8 16.14 7.05 -1.56
N LEU B 9 16.37 6.20 -0.57
CA LEU B 9 16.19 6.59 0.82
C LEU B 9 17.29 7.54 1.30
N GLN B 10 18.53 7.32 0.85
CA GLN B 10 19.69 8.15 1.16
C GLN B 10 19.55 9.63 0.69
N ASP B 11 19.08 9.84 -0.55
CA ASP B 11 18.74 11.17 -1.13
C ASP B 11 19.98 11.97 -1.55
C10 5LO C . -2.35 -7.56 -8.72
C13 5LO C . 0.45 -7.11 -8.46
C15 5LO C . -0.51 -6.14 -8.04
C17 5LO C . 1.74 -5.45 -7.30
C20 5LO C . -0.05 -4.32 -5.99
C21 5LO C . -0.18 -3.64 -7.95
C22 5LO C . 0.62 -2.54 -7.58
C24 5LO C . -0.74 -1.01 -8.88
C28 5LO C . -1.52 -2.09 -9.28
C01 5LO C . -1.07 -10.93 -9.11
C02 5LO C . -1.83 -9.83 -9.85
C03 5LO C . -3.32 -10.11 -9.70
C04 5LO C . -4.21 -8.88 -9.85
C05 5LO C . -3.88 -7.81 -8.83
C06 5LO C . -4.62 -6.53 -9.29
C07 5LO C . -4.39 -8.18 -7.42
C08 5LO C . -1.43 -9.83 -11.33
C09 5LO C . -1.40 -8.51 -9.19
C11 5LO C . -1.88 -6.39 -8.09
C12 5LO C . 0.00 -8.28 -9.06
O14 5LO C . 1.84 -6.59 -8.19
C16 5LO C . 0.27 -5.05 -7.38
C18 5LO C . 1.98 -5.58 -5.95
C19 5LO C . 0.54 -5.27 -5.24
C23 5LO C . 0.34 -1.25 -8.02
C25 5LO C . -1.04 0.41 -9.36
O26 5LO C . -0.83 1.40 -8.61
O27 5LO C . -1.53 0.63 -10.51
C29 5LO C . -1.24 -3.39 -8.83
#